data_5C7D
#
_entry.id   5C7D
#
_cell.length_a   71.258
_cell.length_b   71.258
_cell.length_c   105.273
_cell.angle_alpha   90.00
_cell.angle_beta   90.00
_cell.angle_gamma   90.00
#
_symmetry.space_group_name_H-M   'P 41 2 2'
#
loop_
_entity.id
_entity.type
_entity.pdbx_description
1 polymer 'E3 ubiquitin-protein ligase XIAP'
2 non-polymer 'ZINC ION'
3 non-polymer (2R)-4-[2-(6-chloro-2,3-dihydro-1H-pyrrolo[3,2-c]pyridin-1-yl)-2-oxoethyl]-2-methylpiperazin-1-ium
4 water water
#
_entity_poly.entity_id   1
_entity_poly.type   'polypeptide(L)'
_entity_poly.pdbx_seq_one_letter_code
;GSHMNFPNSTNLPRNPSMADYEARIFTFGTWIYSVNKEQLARAGFYALGEGDKVKCFHCGGGLTDWKPSEDPWEQHAKWY
PGCKYLLEQKGQEYINNIHLTHSLEECLVR
;
_entity_poly.pdbx_strand_id   A
#
loop_
_chem_comp.id
_chem_comp.type
_chem_comp.name
_chem_comp.formula
4YF non-polymer (2R)-4-[2-(6-chloro-2,3-dihydro-1H-pyrrolo[3,2-c]pyridin-1-yl)-2-oxoethyl]-2-methylpiperazin-1-ium 'C14 H20 Cl N4 O 1'
ZN non-polymer 'ZINC ION' 'Zn 2'
#
# COMPACT_ATOMS: atom_id res chain seq x y z
N ASN A 5 -6.45 -14.85 -1.39
CA ASN A 5 -7.02 -14.36 -0.09
C ASN A 5 -7.76 -13.01 -0.22
N PHE A 6 -9.03 -12.95 0.21
CA PHE A 6 -9.86 -11.75 -0.02
C PHE A 6 -9.32 -10.52 0.73
N PRO A 7 -9.50 -9.31 0.15
CA PRO A 7 -8.95 -8.13 0.84
C PRO A 7 -9.85 -7.73 2.05
N ASN A 8 -9.23 -7.39 3.18
CA ASN A 8 -10.02 -6.99 4.35
C ASN A 8 -10.61 -5.61 4.11
N SER A 9 -11.92 -5.55 4.16
CA SER A 9 -12.61 -4.30 3.95
C SER A 9 -13.35 -3.80 5.21
N THR A 10 -13.09 -4.42 6.37
CA THR A 10 -13.65 -3.94 7.65
C THR A 10 -12.76 -2.83 8.22
N ASN A 11 -13.27 -2.16 9.26
CA ASN A 11 -12.52 -1.13 9.99
C ASN A 11 -11.50 -1.72 10.98
N LEU A 12 -11.39 -3.04 10.98
CA LEU A 12 -10.48 -3.76 11.88
C LEU A 12 -9.31 -4.35 11.10
N PRO A 13 -8.07 -4.02 11.51
CA PRO A 13 -6.87 -4.44 10.78
C PRO A 13 -6.71 -5.96 10.80
N ARG A 14 -6.30 -6.52 9.67
CA ARG A 14 -6.04 -7.94 9.58
C ARG A 14 -4.80 -8.32 10.43
N ASN A 15 -3.81 -7.44 10.47
CA ASN A 15 -2.60 -7.67 11.24
C ASN A 15 -2.34 -6.57 12.30
N PRO A 16 -3.05 -6.62 13.45
CA PRO A 16 -2.85 -5.61 14.49
C PRO A 16 -1.40 -5.47 15.03
N SER A 17 -0.61 -6.55 15.08
CA SER A 17 0.81 -6.45 15.48
C SER A 17 1.62 -5.45 14.61
N MET A 18 1.12 -5.19 13.40
CA MET A 18 1.75 -4.28 12.46
C MET A 18 1.06 -2.90 12.35
N ALA A 19 0.21 -2.59 13.32
CA ALA A 19 -0.54 -1.31 13.33
C ALA A 19 0.33 -0.07 13.60
N ASP A 20 1.42 -0.21 14.36
CA ASP A 20 2.31 0.93 14.63
C ASP A 20 3.33 1.09 13.53
N TYR A 21 3.53 2.33 13.12
CA TYR A 21 4.55 2.70 12.13
C TYR A 21 5.92 2.06 12.49
N GLU A 22 6.32 2.20 13.74
CA GLU A 22 7.61 1.70 14.24
C GLU A 22 7.77 0.20 14.03
N ALA A 23 6.74 -0.56 14.37
CA ALA A 23 6.70 -2.00 14.15
C ALA A 23 6.92 -2.35 12.67
N ARG A 24 6.26 -1.62 11.78
CA ARG A 24 6.38 -1.85 10.33
C ARG A 24 7.80 -1.59 9.84
N ILE A 25 8.39 -0.48 10.30
CA ILE A 25 9.77 -0.10 9.96
C ILE A 25 10.74 -1.26 10.19
N PHE A 26 10.70 -1.85 11.38
CA PHE A 26 11.61 -2.95 11.74
C PHE A 26 11.62 -4.12 10.73
N THR A 27 10.49 -4.38 10.08
CA THR A 27 10.35 -5.54 9.17
C THR A 27 11.23 -5.46 7.90
N PHE A 28 11.58 -4.23 7.49
CA PHE A 28 12.37 -4.00 6.28
C PHE A 28 13.85 -4.38 6.42
N GLY A 29 14.47 -4.02 7.54
CA GLY A 29 15.93 -4.16 7.69
C GLY A 29 16.62 -3.24 6.71
N THR A 30 17.83 -3.59 6.28
CA THR A 30 18.46 -2.90 5.17
C THR A 30 17.66 -3.17 3.89
N TRP A 31 17.26 -2.08 3.23
CA TRP A 31 16.30 -2.10 2.13
C TRP A 31 16.98 -1.51 0.91
N ILE A 32 17.26 -2.36 -0.09
CA ILE A 32 18.02 -1.94 -1.29
C ILE A 32 17.10 -1.38 -2.37
N TYR A 33 15.80 -1.60 -2.21
CA TYR A 33 14.84 -1.46 -3.29
C TYR A 33 14.47 -0.04 -3.72
N SER A 34 13.83 0.01 -4.90
CA SER A 34 13.55 1.24 -5.66
C SER A 34 12.67 2.24 -4.91
N VAL A 35 11.91 1.72 -3.96
CA VAL A 35 10.99 2.54 -3.17
C VAL A 35 11.42 2.64 -1.70
N ASN A 36 11.32 3.86 -1.20
CA ASN A 36 11.63 4.29 0.16
C ASN A 36 10.85 3.51 1.26
N LYS A 37 11.54 2.87 2.20
CA LYS A 37 10.87 2.07 3.23
C LYS A 37 9.99 2.89 4.18
N GLU A 38 10.42 4.10 4.51
CA GLU A 38 9.66 5.04 5.35
C GLU A 38 8.31 5.36 4.70
N GLN A 39 8.35 5.64 3.39
CA GLN A 39 7.20 5.96 2.56
C GLN A 39 6.24 4.78 2.50
N LEU A 40 6.80 3.57 2.34
CA LEU A 40 6.03 2.33 2.40
C LEU A 40 5.34 2.13 3.76
N ALA A 41 6.11 2.27 4.83
CA ALA A 41 5.59 2.11 6.18
C ALA A 41 4.47 3.10 6.49
N ARG A 42 4.62 4.35 6.03
CA ARG A 42 3.61 5.41 6.16
C ARG A 42 2.30 5.07 5.46
N ALA A 43 2.42 4.42 4.31
CA ALA A 43 1.29 3.95 3.52
C ALA A 43 0.71 2.61 4.02
N GLY A 44 1.12 2.19 5.22
CA GLY A 44 0.54 1.04 5.92
C GLY A 44 1.24 -0.29 5.69
N PHE A 45 2.33 -0.27 4.93
CA PHE A 45 3.00 -1.47 4.46
C PHE A 45 4.16 -1.94 5.36
N TYR A 46 4.26 -3.25 5.47
CA TYR A 46 5.41 -3.88 6.13
C TYR A 46 5.97 -4.93 5.16
N ALA A 47 7.26 -5.20 5.30
CA ALA A 47 7.98 -6.13 4.43
C ALA A 47 7.81 -7.56 4.90
N LEU A 48 7.73 -8.49 3.95
CA LEU A 48 7.64 -9.92 4.28
C LEU A 48 8.99 -10.65 4.25
N GLY A 49 10.03 -9.95 3.77
CA GLY A 49 11.35 -10.56 3.61
C GLY A 49 11.45 -11.43 2.36
N GLU A 50 10.53 -11.21 1.42
CA GLU A 50 10.52 -11.93 0.14
C GLU A 50 10.75 -10.93 -1.00
N GLY A 51 12.02 -10.60 -1.26
CA GLY A 51 12.35 -9.49 -2.16
C GLY A 51 11.69 -8.20 -1.67
N ASP A 52 11.08 -7.44 -2.58
CA ASP A 52 10.40 -6.19 -2.20
C ASP A 52 8.89 -6.33 -1.90
N LYS A 53 8.43 -7.56 -1.66
CA LYS A 53 7.01 -7.82 -1.33
C LYS A 53 6.60 -7.19 0.01
N VAL A 54 5.54 -6.40 -0.03
CA VAL A 54 4.96 -5.78 1.17
C VAL A 54 3.49 -6.17 1.29
N LYS A 55 2.95 -6.10 2.52
CA LYS A 55 1.53 -6.30 2.77
C LYS A 55 1.06 -5.12 3.60
N CYS A 56 -0.15 -4.62 3.31
CA CYS A 56 -0.78 -3.66 4.20
C CYS A 56 -1.20 -4.37 5.49
N PHE A 57 -0.91 -3.74 6.65
CA PHE A 57 -1.28 -4.29 7.97
C PHE A 57 -2.80 -4.38 8.16
N HIS A 58 -3.51 -3.51 7.44
CA HIS A 58 -4.95 -3.37 7.60
C HIS A 58 -5.75 -4.24 6.65
N CYS A 59 -5.63 -3.99 5.34
CA CYS A 59 -6.39 -4.77 4.36
C CYS A 59 -5.76 -6.14 4.03
N GLY A 60 -4.48 -6.30 4.35
CA GLY A 60 -3.75 -7.54 4.02
C GLY A 60 -3.15 -7.49 2.60
N GLY A 61 -3.43 -6.42 1.86
CA GLY A 61 -3.10 -6.37 0.46
C GLY A 61 -1.61 -6.40 0.18
N GLY A 62 -1.21 -7.30 -0.72
CA GLY A 62 0.19 -7.52 -1.06
C GLY A 62 0.55 -6.88 -2.39
N LEU A 63 1.78 -6.38 -2.47
CA LEU A 63 2.32 -5.71 -3.65
C LEU A 63 3.82 -6.02 -3.80
N THR A 64 4.27 -6.20 -5.04
CA THR A 64 5.66 -6.59 -5.37
C THR A 64 6.17 -5.79 -6.58
N ASP A 65 7.44 -5.97 -6.90
CA ASP A 65 8.08 -5.45 -8.13
C ASP A 65 7.93 -3.93 -8.26
N TRP A 66 8.36 -3.26 -7.20
CA TRP A 66 8.31 -1.82 -7.04
C TRP A 66 9.27 -1.14 -7.99
N LYS A 67 8.72 -0.31 -8.87
CA LYS A 67 9.49 0.52 -9.77
C LYS A 67 9.69 1.89 -9.13
N PRO A 68 10.80 2.61 -9.46
CA PRO A 68 11.06 3.92 -8.84
C PRO A 68 9.91 4.95 -9.00
N SER A 69 9.17 4.86 -10.11
CA SER A 69 8.02 5.73 -10.40
C SER A 69 6.73 5.37 -9.64
N GLU A 70 6.71 4.21 -8.98
CA GLU A 70 5.51 3.73 -8.31
C GLU A 70 5.45 4.23 -6.89
N ASP A 71 4.35 4.91 -6.57
CA ASP A 71 4.12 5.53 -5.28
C ASP A 71 3.34 4.56 -4.37
N PRO A 72 3.82 4.30 -3.13
CA PRO A 72 3.09 3.43 -2.20
C PRO A 72 1.60 3.73 -2.01
N TRP A 73 1.23 4.98 -1.73
CA TRP A 73 -0.18 5.35 -1.56
C TRP A 73 -1.04 5.12 -2.79
N GLU A 74 -0.54 5.52 -3.96
CA GLU A 74 -1.27 5.33 -5.23
C GLU A 74 -1.51 3.87 -5.54
N GLN A 75 -0.49 3.03 -5.31
CA GLN A 75 -0.56 1.58 -5.51
C GLN A 75 -1.55 0.92 -4.54
N HIS A 76 -1.55 1.39 -3.30
CA HIS A 76 -2.45 0.92 -2.24
C HIS A 76 -3.89 1.12 -2.68
N ALA A 77 -4.18 2.35 -3.15
CA ALA A 77 -5.46 2.76 -3.72
C ALA A 77 -5.81 1.99 -4.99
N LYS A 78 -4.83 1.80 -5.87
CA LYS A 78 -5.06 1.11 -7.16
C LYS A 78 -5.56 -0.31 -6.94
N TRP A 79 -4.86 -1.05 -6.09
CA TRP A 79 -5.10 -2.47 -5.96
C TRP A 79 -5.99 -2.85 -4.77
N TYR A 80 -6.03 -2.02 -3.73
CA TYR A 80 -6.83 -2.27 -2.52
C TYR A 80 -7.77 -1.11 -2.19
N PRO A 81 -8.69 -0.75 -3.13
CA PRO A 81 -9.49 0.46 -2.91
C PRO A 81 -10.50 0.37 -1.75
N GLY A 82 -10.79 -0.86 -1.27
CA GLY A 82 -11.68 -1.10 -0.10
C GLY A 82 -11.03 -0.95 1.28
N CYS A 83 -9.72 -0.68 1.29
CA CYS A 83 -8.94 -0.65 2.53
C CYS A 83 -9.34 0.53 3.38
N LYS A 84 -9.74 0.25 4.62
CA LYS A 84 -10.26 1.29 5.50
C LYS A 84 -9.17 2.16 6.09
N TYR A 85 -7.97 1.59 6.25
CA TYR A 85 -6.81 2.38 6.65
C TYR A 85 -6.51 3.45 5.58
N LEU A 86 -6.47 3.02 4.32
CA LEU A 86 -6.34 3.92 3.18
C LEU A 86 -7.38 5.06 3.18
N LEU A 87 -8.66 4.70 3.40
CA LEU A 87 -9.74 5.69 3.46
C LEU A 87 -9.55 6.71 4.58
N GLU A 88 -9.15 6.22 5.76
CA GLU A 88 -8.86 7.06 6.92
C GLU A 88 -7.73 8.05 6.60
N GLN A 89 -6.60 7.55 6.10
CA GLN A 89 -5.40 8.36 5.94
C GLN A 89 -5.51 9.37 4.81
N LYS A 90 -6.11 8.93 3.70
CA LYS A 90 -6.13 9.70 2.45
C LYS A 90 -7.46 10.40 2.11
N GLY A 91 -8.58 9.79 2.49
CA GLY A 91 -9.90 10.32 2.11
C GLY A 91 -10.37 9.74 0.78
N GLN A 92 -11.69 9.81 0.53
CA GLN A 92 -12.28 9.22 -0.68
C GLN A 92 -11.99 10.10 -1.93
N GLU A 93 -11.89 11.41 -1.75
CA GLU A 93 -11.60 12.32 -2.86
C GLU A 93 -10.23 12.06 -3.52
N TYR A 94 -9.22 11.75 -2.70
CA TYR A 94 -7.89 11.33 -3.16
C TYR A 94 -8.01 9.99 -3.84
N ILE A 95 -8.77 9.09 -3.20
CA ILE A 95 -8.99 7.75 -3.71
C ILE A 95 -9.63 7.78 -5.11
N ASN A 96 -10.64 8.61 -5.28
CA ASN A 96 -11.31 8.76 -6.56
C ASN A 96 -10.40 9.35 -7.63
N ASN A 97 -9.66 10.41 -7.27
CA ASN A 97 -8.59 10.98 -8.11
C ASN A 97 -7.69 9.90 -8.66
N ILE A 98 -7.08 9.11 -7.77
CA ILE A 98 -6.13 8.06 -8.17
C ILE A 98 -6.74 7.05 -9.15
N HIS A 99 -8.01 6.69 -8.90
CA HIS A 99 -8.70 5.70 -9.75
C HIS A 99 -9.00 6.27 -11.09
N LEU A 100 -9.57 7.47 -11.08
CA LEU A 100 -9.76 8.23 -12.30
C LEU A 100 -8.48 8.34 -13.11
N THR A 101 -7.36 8.72 -12.48
CA THR A 101 -6.13 8.92 -13.25
C THR A 101 -5.55 7.60 -13.78
N HIS A 102 -5.69 6.51 -13.02
CA HIS A 102 -5.19 5.21 -13.49
C HIS A 102 -6.09 4.58 -14.58
N SER A 103 -7.41 4.66 -14.39
CA SER A 103 -8.38 4.33 -15.45
C SER A 103 -8.17 5.13 -16.75
N LEU A 104 -7.85 6.42 -16.61
CA LEU A 104 -7.58 7.30 -17.76
C LEU A 104 -6.18 7.11 -18.35
N GLU A 105 -5.27 6.55 -17.55
CA GLU A 105 -3.94 6.20 -18.05
C GLU A 105 -4.06 5.03 -19.04
N GLU A 106 -4.97 4.11 -18.72
CA GLU A 106 -5.28 2.94 -19.54
C GLU A 106 -5.89 3.28 -20.90
N CYS A 107 -6.97 4.07 -20.89
CA CYS A 107 -7.59 4.54 -22.14
C CYS A 107 -6.66 5.43 -22.98
N LEU A 108 -5.66 6.06 -22.37
CA LEU A 108 -4.64 6.83 -23.11
C LEU A 108 -3.59 5.97 -23.84
N VAL A 109 -3.40 4.72 -23.39
CA VAL A 109 -2.55 3.75 -24.10
C VAL A 109 -3.36 2.76 -24.97
N ARG A 110 -4.47 2.24 -24.42
CA ARG A 110 -5.39 1.33 -25.14
C ARG A 110 -5.98 1.98 -26.40
ZN ZN B . -4.60 -1.50 3.10
C1 4YF C . 4.15 -1.70 -6.81
C2 4YF C . 3.57 -2.34 -8.07
C3 4YF C . 2.53 -3.41 -7.76
N4 4YF C . 2.04 -4.07 -8.98
C5 4YF C . 0.91 -4.97 -8.75
C6 4YF C . 1.13 -6.10 -7.76
C10 4YF C . -2.22 -7.47 -7.07
C11 4YF C . -1.28 -8.32 -6.27
C12 4YF C . -1.52 -9.37 -5.40
C14 4YF C . 0.71 -9.60 -5.00
C16 4YF C . 1.06 -8.58 -5.85
C19 4YF C . 4.19 -3.65 -10.10
O7 4YF C . 2.25 -6.32 -7.29
N8 4YF C . 0.04 -6.86 -7.40
C9 4YF C . -1.29 -6.73 -8.03
N13 4YF C . -0.53 -10.00 -4.76
CL 4YF C . 1.96 -10.46 -4.16
C17 4YF C . 0.03 -7.93 -6.48
C18 4YF C . 3.15 -4.69 -9.72
N20 4YF C . 4.68 -2.97 -8.87
H21 4YF C . 3.47 -1.68 -6.12
H23 4YF C . 4.91 -2.23 -6.51
H22 4YF C . 4.45 -0.79 -7.02
H24 4YF C . 3.16 -1.64 -8.63
H25 4YF C . 1.78 -3.00 -7.29
H26 4YF C . 2.92 -4.08 -7.16
H28 4YF C . 0.15 -4.44 -8.42
H27 4YF C . 0.64 -5.36 -9.61
H31 4YF C . -2.86 -8.02 -7.57
H32 4YF C . -2.71 -6.84 -6.50
H33 4YF C . -2.40 -9.64 -5.24
H34 4YF C . 1.96 -8.34 -5.97
H37 4YF C . 3.80 -2.99 -10.70
H38 4YF C . 4.93 -4.08 -10.55
H29 4YF C . -1.31 -7.14 -8.92
H30 4YF C . -1.55 -5.80 -8.11
H36 4YF C . 3.56 -5.38 -9.18
H35 4YF C . 2.80 -5.11 -10.53
H40 4YF C . 5.11 -3.58 -8.35
H39 4YF C . 5.29 -2.33 -9.11
#